data_6KBX
#
_entry.id   6KBX
#
_cell.length_a   47.092
_cell.length_b   44.084
_cell.length_c   54.731
_cell.angle_alpha   90.000
_cell.angle_beta   101.690
_cell.angle_gamma   90.000
#
_symmetry.space_group_name_H-M   'P 1 21 1'
#
loop_
_entity.id
_entity.type
_entity.pdbx_description
1 polymer 'SOS response-associated protein'
2 polymer "DNA 5'-D (*CP*GP*GP*TP* (PED)P*GP*AP*TP*TP*C)-3'"
3 water water
#
loop_
_entity_poly.entity_id
_entity_poly.type
_entity_poly.pdbx_seq_one_letter_code
_entity_poly.pdbx_strand_id
1 'polypeptide(L)'
;CGRFAQSQTREDYLALLAEDIERDIPYDPEPIGRYNVAPGTKVLLLSERDEHLHLDPVFWGYAPGWWDKPPLINARVETA
ATSRMFKPLWQHGRAICFADGWFEWKKEGDKKQPFFIYRADGQPIFMAAIGSTPFERGDEAEGFLIVTAAADQGLVDIHD
RRPLVLSPEAAREWMRQEISGKEASEIAASGCVPANQFSWHPVSRAVGNVKNQGAELIQPVLEVLFQ
;
B
2 'polydeoxyribonucleotide' (DC)(DG)(DG)(DT)(PED)(DG)(DA)(DT)(DT)(DC) A
#
# COMPACT_ATOMS: atom_id res chain seq x y z
N CYS A 1 -7.67 -4.10 -3.05
CA CYS A 1 -7.23 -3.00 -2.14
C CYS A 1 -7.28 -1.73 -2.93
N GLY A 2 -8.48 -1.36 -3.37
CA GLY A 2 -8.67 -0.18 -4.19
C GLY A 2 -8.85 1.08 -3.37
N ARG A 3 -8.85 0.96 -2.04
CA ARG A 3 -8.80 2.09 -1.12
C ARG A 3 -8.04 1.64 0.13
N PHE A 4 -7.38 2.59 0.80
CA PHE A 4 -6.75 2.29 2.08
C PHE A 4 -6.71 3.56 2.93
N ALA A 5 -6.31 3.41 4.20
CA ALA A 5 -6.24 4.54 5.13
C ALA A 5 -4.79 4.86 5.43
N GLN A 6 -4.44 6.13 5.35
CA GLN A 6 -3.11 6.64 5.71
C GLN A 6 -3.37 7.93 6.50
N SER A 7 -3.63 7.77 7.79
CA SER A 7 -4.27 8.81 8.57
C SER A 7 -3.40 9.43 9.66
N GLN A 8 -2.34 8.76 10.08
CA GLN A 8 -1.61 9.17 11.27
C GLN A 8 -0.43 10.07 10.90
N THR A 9 0.41 10.41 11.86
CA THR A 9 1.53 11.28 11.55
C THR A 9 2.65 10.50 10.87
N ARG A 10 3.52 11.23 10.17
CA ARG A 10 4.68 10.60 9.56
C ARG A 10 5.50 9.81 10.58
N GLU A 11 5.70 10.37 11.78
CA GLU A 11 6.50 9.67 12.77
C GLU A 11 5.85 8.37 13.22
N ASP A 12 4.51 8.34 13.28
CA ASP A 12 3.84 7.11 13.67
C ASP A 12 4.20 5.95 12.75
N TYR A 13 4.47 6.23 11.48
CA TYR A 13 4.86 5.17 10.54
C TYR A 13 6.37 4.99 10.46
N LEU A 14 7.11 6.09 10.47
CA LEU A 14 8.55 6.02 10.22
C LEU A 14 9.32 5.45 11.41
N ALA A 15 8.79 5.60 12.62
CA ALA A 15 9.52 5.17 13.81
C ALA A 15 9.86 3.70 13.79
N LEU A 16 9.03 2.87 13.15
CA LEU A 16 9.29 1.44 13.08
C LEU A 16 10.36 1.09 12.06
N LEU A 17 10.76 2.03 11.21
CA LEU A 17 11.64 1.77 10.07
C LEU A 17 13.04 2.35 10.22
N ALA A 18 13.19 3.58 10.71
CA ALA A 18 14.50 4.21 10.72
C ALA A 18 14.45 5.47 11.56
N GLU A 19 15.56 5.75 12.25
CA GLU A 19 15.72 7.00 12.98
C GLU A 19 16.12 8.13 12.02
N ASP A 20 16.15 9.36 12.56
CA ASP A 20 16.33 10.55 11.74
C ASP A 20 17.61 10.49 10.91
N ILE A 21 18.68 9.90 11.45
CA ILE A 21 19.95 9.88 10.73
C ILE A 21 19.85 9.19 9.38
N GLU A 22 18.89 8.29 9.21
CA GLU A 22 18.70 7.56 7.96
C GLU A 22 17.68 8.22 7.05
N ARG A 23 17.07 9.33 7.49
CA ARG A 23 15.99 9.96 6.75
C ARG A 23 16.49 11.22 6.06
N ASP A 24 15.75 11.61 5.03
CA ASP A 24 15.84 12.92 4.41
C ASP A 24 14.41 13.40 4.21
N ILE A 25 13.68 13.49 5.31
CA ILE A 25 12.24 13.75 5.37
C ILE A 25 12.01 14.80 6.44
N PRO A 26 11.55 16.00 6.10
CA PRO A 26 11.33 17.03 7.12
C PRO A 26 10.34 16.59 8.21
N TYR A 27 10.63 17.01 9.44
CA TYR A 27 9.70 16.82 10.54
C TYR A 27 8.39 17.54 10.22
N ASP A 28 7.28 16.88 10.51
CA ASP A 28 5.96 17.48 10.30
C ASP A 28 5.01 16.77 11.26
N PRO A 29 4.46 17.48 12.25
CA PRO A 29 3.60 16.83 13.24
C PRO A 29 2.17 16.62 12.80
N GLU A 30 1.77 17.10 11.63
CA GLU A 30 0.37 17.07 11.25
C GLU A 30 -0.04 15.67 10.81
N PRO A 31 -1.12 15.10 11.37
CA PRO A 31 -1.60 13.80 10.86
C PRO A 31 -1.89 13.88 9.37
N ILE A 32 -1.55 12.83 8.63
CA ILE A 32 -1.82 12.82 7.19
C ILE A 32 -3.32 12.90 6.93
N GLY A 33 -4.13 12.25 7.78
CA GLY A 33 -5.55 12.50 7.83
C GLY A 33 -6.38 11.90 6.72
N ARG A 34 -5.84 10.99 5.92
CA ARG A 34 -6.58 10.43 4.79
C ARG A 34 -7.10 9.05 5.14
N TYR A 35 -8.35 8.96 5.57
CA TYR A 35 -8.91 7.64 5.87
C TYR A 35 -9.40 6.92 4.62
N ASN A 36 -9.31 7.53 3.44
CA ASN A 36 -9.92 6.97 2.22
C ASN A 36 -9.06 7.35 1.00
N VAL A 37 -7.84 6.80 0.94
CA VAL A 37 -6.92 7.06 -0.15
C VAL A 37 -7.37 6.30 -1.39
N ALA A 38 -7.43 7.00 -2.54
CA ALA A 38 -7.98 6.44 -3.77
C ALA A 38 -6.98 6.46 -4.92
N PRO A 39 -7.12 5.53 -5.88
CA PRO A 39 -6.29 5.55 -7.08
C PRO A 39 -6.39 6.87 -7.82
N GLY A 40 -5.28 7.26 -8.44
CA GLY A 40 -5.23 8.48 -9.20
C GLY A 40 -4.87 9.70 -8.40
N THR A 41 -4.92 9.61 -7.08
CA THR A 41 -4.40 10.67 -6.22
C THR A 41 -2.93 10.43 -5.96
N LYS A 42 -2.23 11.50 -5.59
CA LYS A 42 -0.87 11.34 -5.13
C LYS A 42 -0.88 10.90 -3.67
N VAL A 43 0.00 9.97 -3.34
CA VAL A 43 0.07 9.37 -2.02
C VAL A 43 1.51 9.49 -1.54
N LEU A 44 1.69 9.85 -0.28
CA LEU A 44 3.03 9.87 0.30
C LEU A 44 3.62 8.47 0.25
N LEU A 45 4.75 8.34 -0.46
CA LEU A 45 5.38 7.06 -0.78
C LEU A 45 6.83 7.10 -0.31
N LEU A 46 7.24 6.04 0.36
CA LEU A 46 8.57 5.96 0.97
C LEU A 46 9.53 5.18 0.08
N SER A 47 10.73 5.72 -0.12
CA SER A 47 11.74 5.04 -0.92
C SER A 47 13.13 5.47 -0.47
N GLU A 48 14.14 4.80 -0.99
CA GLU A 48 15.53 5.07 -0.63
C GLU A 48 16.29 5.58 -1.86
N ARG A 49 16.95 6.72 -1.70
CA ARG A 49 17.88 7.21 -2.70
C ARG A 49 18.95 8.03 -1.98
N ASP A 50 20.16 8.06 -2.54
CA ASP A 50 21.24 8.79 -1.88
C ASP A 50 21.42 8.32 -0.44
N GLU A 51 21.19 7.02 -0.20
CA GLU A 51 21.43 6.35 1.07
C GLU A 51 20.53 6.84 2.20
N HIS A 52 19.42 7.50 1.88
CA HIS A 52 18.48 7.98 2.89
C HIS A 52 17.08 7.64 2.44
N LEU A 53 16.17 7.59 3.41
CA LEU A 53 14.76 7.44 3.08
C LEU A 53 14.14 8.79 2.73
N HIS A 54 13.35 8.78 1.65
CA HIS A 54 12.64 9.96 1.16
C HIS A 54 11.16 9.64 1.10
N LEU A 55 10.34 10.67 1.27
CA LEU A 55 8.89 10.56 1.22
C LEU A 55 8.41 11.54 0.17
N ASP A 56 7.85 11.02 -0.93
CA ASP A 56 7.44 11.85 -2.06
C ASP A 56 5.97 11.63 -2.33
N PRO A 57 5.20 12.65 -2.70
CA PRO A 57 3.81 12.42 -3.13
C PRO A 57 3.81 11.84 -4.53
N VAL A 58 3.36 10.60 -4.66
CA VAL A 58 3.44 9.87 -5.93
C VAL A 58 2.05 9.40 -6.36
N PHE A 59 1.73 9.62 -7.64
CA PHE A 59 0.48 9.16 -8.26
C PHE A 59 0.30 7.66 -8.06
N TRP A 60 -0.85 7.28 -7.52
CA TRP A 60 -1.19 5.86 -7.37
C TRP A 60 -1.82 5.40 -8.68
N GLY A 61 -1.02 4.70 -9.48
CA GLY A 61 -1.44 4.24 -10.80
C GLY A 61 -0.23 4.18 -11.71
N TYR A 62 -0.33 3.35 -12.73
CA TYR A 62 0.77 3.16 -13.68
C TYR A 62 0.20 2.96 -15.07
N ALA A 63 0.45 3.92 -15.97
CA ALA A 63 -0.03 3.85 -17.34
C ALA A 63 1.06 4.45 -18.23
N PRO A 64 1.97 3.63 -18.73
CA PRO A 64 2.96 4.12 -19.70
C PRO A 64 2.30 4.57 -20.98
N GLY A 65 3.10 5.20 -21.85
CA GLY A 65 2.56 5.78 -23.06
C GLY A 65 1.92 4.77 -24.00
N TRP A 66 2.36 3.51 -23.92
CA TRP A 66 1.85 2.44 -24.78
C TRP A 66 0.64 1.73 -24.17
N TRP A 67 0.26 2.07 -22.95
CA TRP A 67 -0.86 1.44 -22.26
C TRP A 67 -2.13 2.22 -22.57
N ASP A 68 -3.10 1.54 -23.16
CA ASP A 68 -4.35 2.17 -23.60
C ASP A 68 -5.56 1.68 -22.79
N LYS A 69 -5.35 1.45 -21.51
CA LYS A 69 -6.39 1.08 -20.56
C LYS A 69 -6.24 1.97 -19.35
N PRO A 70 -7.19 1.95 -18.41
CA PRO A 70 -7.02 2.73 -17.20
C PRO A 70 -5.75 2.32 -16.48
N PRO A 71 -5.12 3.24 -15.75
CA PRO A 71 -3.85 2.90 -15.08
C PRO A 71 -4.02 1.73 -14.14
N LEU A 72 -3.03 0.84 -14.13
CA LEU A 72 -3.02 -0.27 -13.19
C LEU A 72 -2.65 0.27 -11.80
N ILE A 73 -3.24 -0.34 -10.77
CA ILE A 73 -2.98 0.05 -9.39
C ILE A 73 -2.31 -1.06 -8.58
N ASN A 74 -2.27 -2.28 -9.11
CA ASN A 74 -1.69 -3.43 -8.43
C ASN A 74 -0.81 -4.18 -9.42
N ALA A 75 0.19 -4.89 -8.87
CA ALA A 75 1.04 -5.81 -9.62
C ALA A 75 1.12 -7.11 -8.83
N ARG A 76 0.86 -8.24 -9.48
CA ARG A 76 0.83 -9.51 -8.76
C ARG A 76 2.24 -9.99 -8.42
N VAL A 77 2.44 -10.38 -7.16
CA VAL A 77 3.77 -10.84 -6.71
C VAL A 77 4.21 -12.08 -7.48
N GLU A 78 3.25 -12.88 -7.95
CA GLU A 78 3.60 -14.14 -8.59
C GLU A 78 4.43 -13.93 -9.85
N THR A 79 4.23 -12.80 -10.53
CA THR A 79 4.78 -12.59 -11.85
C THR A 79 5.49 -11.25 -12.05
N ALA A 80 5.36 -10.31 -11.11
CA ALA A 80 5.82 -8.94 -11.39
C ALA A 80 7.32 -8.88 -11.66
N ALA A 81 8.11 -9.69 -10.96
CA ALA A 81 9.56 -9.60 -11.10
C ALA A 81 10.05 -9.98 -12.48
N THR A 82 9.27 -10.79 -13.21
CA THR A 82 9.66 -11.26 -14.54
C THR A 82 8.77 -10.71 -15.64
N SER A 83 7.78 -9.88 -15.30
CA SER A 83 6.84 -9.34 -16.28
C SER A 83 7.54 -8.35 -17.21
N ARG A 84 7.17 -8.39 -18.50
CA ARG A 84 7.71 -7.39 -19.42
C ARG A 84 7.31 -5.99 -19.00
N MET A 85 6.15 -5.84 -18.36
CA MET A 85 5.70 -4.53 -17.92
C MET A 85 6.37 -4.10 -16.62
N PHE A 86 6.48 -5.00 -15.65
CA PHE A 86 6.85 -4.59 -14.30
C PHE A 86 8.30 -4.85 -13.91
N LYS A 87 9.01 -5.70 -14.64
CA LYS A 87 10.38 -6.05 -14.26
C LYS A 87 11.27 -4.85 -13.96
N PRO A 88 11.33 -3.81 -14.79
CA PRO A 88 12.19 -2.67 -14.44
C PRO A 88 11.77 -1.97 -13.15
N LEU A 89 10.48 -1.94 -12.85
CA LEU A 89 10.02 -1.33 -11.60
C LEU A 89 10.41 -2.20 -10.41
N TRP A 90 10.32 -3.51 -10.57
CA TRP A 90 10.76 -4.44 -9.52
C TRP A 90 12.25 -4.29 -9.23
N GLN A 91 13.05 -3.99 -10.26
CA GLN A 91 14.49 -3.90 -10.08
C GLN A 91 14.91 -2.59 -9.46
N HIS A 92 14.40 -1.46 -9.95
CA HIS A 92 14.90 -0.17 -9.51
C HIS A 92 13.83 0.76 -8.92
N GLY A 93 12.56 0.39 -8.96
CA GLY A 93 11.51 1.27 -8.48
C GLY A 93 10.79 0.76 -7.24
N ARG A 94 11.46 -0.03 -6.42
CA ARG A 94 10.79 -0.51 -5.22
C ARG A 94 10.59 0.62 -4.22
N ALA A 95 9.50 0.52 -3.47
CA ALA A 95 9.10 1.55 -2.52
C ALA A 95 8.19 0.90 -1.49
N ILE A 96 7.84 1.67 -0.46
CA ILE A 96 6.92 1.22 0.57
C ILE A 96 5.80 2.26 0.69
N CYS A 97 4.55 1.78 0.74
CA CYS A 97 3.42 2.65 1.06
C CYS A 97 2.91 2.24 2.44
N PHE A 98 3.12 3.09 3.44
CA PHE A 98 2.62 2.79 4.77
C PHE A 98 1.15 3.19 4.91
N ALA A 99 0.46 2.48 5.81
CA ALA A 99 -0.98 2.66 5.96
C ALA A 99 -1.43 2.09 7.29
N ASP A 100 -2.66 2.44 7.66
CA ASP A 100 -3.30 1.87 8.84
C ASP A 100 -3.98 0.53 8.57
N GLY A 101 -4.34 0.30 7.32
CA GLY A 101 -5.14 -0.84 6.91
C GLY A 101 -5.70 -0.52 5.54
N TRP A 102 -6.41 -1.50 4.96
CA TRP A 102 -6.99 -1.31 3.64
C TRP A 102 -8.46 -1.72 3.63
N PHE A 103 -9.16 -1.35 2.55
CA PHE A 103 -10.57 -1.67 2.39
C PHE A 103 -10.78 -2.68 1.26
N GLU A 104 -11.75 -3.56 1.44
CA GLU A 104 -12.20 -4.43 0.36
C GLU A 104 -13.72 -4.49 0.43
N TRP A 105 -14.34 -4.73 -0.72
CA TRP A 105 -15.78 -4.84 -0.80
C TRP A 105 -16.15 -6.30 -1.01
N LYS A 106 -16.92 -6.86 -0.07
CA LYS A 106 -17.38 -8.23 -0.16
C LYS A 106 -18.70 -8.25 -0.93
N LYS A 107 -18.78 -9.10 -1.93
CA LYS A 107 -20.00 -9.24 -2.67
C LYS A 107 -21.04 -9.99 -1.82
N GLU A 108 -22.19 -9.41 -1.64
CA GLU A 108 -23.28 -9.99 -0.87
C GLU A 108 -24.55 -9.84 -1.70
N GLY A 109 -24.76 -10.80 -2.60
CA GLY A 109 -25.87 -10.75 -3.53
C GLY A 109 -25.58 -9.80 -4.66
N ASP A 110 -26.43 -8.79 -4.83
CA ASP A 110 -26.15 -7.69 -5.75
C ASP A 110 -25.57 -6.47 -5.04
N LYS A 111 -25.42 -6.53 -3.73
CA LYS A 111 -24.84 -5.46 -2.95
C LYS A 111 -23.37 -5.76 -2.63
N LYS A 112 -22.63 -4.70 -2.35
CA LYS A 112 -21.21 -4.80 -2.02
C LYS A 112 -20.99 -4.12 -0.67
N GLN A 113 -20.47 -4.88 0.30
CA GLN A 113 -20.29 -4.40 1.67
C GLN A 113 -18.82 -4.15 1.92
N PRO A 114 -18.40 -2.92 2.23
CA PRO A 114 -16.99 -2.68 2.52
C PRO A 114 -16.58 -3.20 3.89
N PHE A 115 -15.33 -3.64 3.95
CA PHE A 115 -14.67 -4.06 5.18
C PHE A 115 -13.35 -3.32 5.29
N PHE A 116 -12.92 -3.06 6.53
CA PHE A 116 -11.59 -2.53 6.82
C PHE A 116 -10.76 -3.65 7.43
N ILE A 117 -9.54 -3.82 6.92
CA ILE A 117 -8.64 -4.91 7.27
C ILE A 117 -7.35 -4.30 7.80
N TYR A 118 -6.86 -4.80 8.93
CA TYR A 118 -5.75 -4.18 9.62
C TYR A 118 -5.02 -5.24 10.44
N ARG A 119 -3.82 -4.92 10.93
CA ARG A 119 -3.08 -5.87 11.74
C ARG A 119 -3.71 -6.01 13.12
N ALA A 120 -3.97 -7.26 13.53
CA ALA A 120 -4.52 -7.51 14.86
C ALA A 120 -3.60 -6.97 15.95
N ASP A 121 -2.28 -6.95 15.71
CA ASP A 121 -1.35 -6.44 16.72
C ASP A 121 -1.26 -4.92 16.75
N GLY A 122 -2.01 -4.21 15.91
CA GLY A 122 -2.09 -2.77 16.01
C GLY A 122 -0.93 -1.99 15.40
N GLN A 123 0.00 -2.66 14.72
CA GLN A 123 1.04 -1.93 14.01
C GLN A 123 0.48 -1.42 12.70
N PRO A 124 1.07 -0.35 12.15
CA PRO A 124 0.74 0.01 10.76
C PRO A 124 1.19 -1.10 9.82
N ILE A 125 0.65 -1.08 8.62
CA ILE A 125 1.10 -1.96 7.55
C ILE A 125 2.08 -1.23 6.65
N PHE A 126 3.08 -1.98 6.21
CA PHE A 126 4.06 -1.51 5.24
C PHE A 126 3.83 -2.29 3.94
N MET A 127 3.13 -1.67 3.00
CA MET A 127 2.76 -2.35 1.75
C MET A 127 3.89 -2.23 0.75
N ALA A 128 4.27 -3.38 0.17
CA ALA A 128 5.29 -3.39 -0.89
C ALA A 128 4.74 -2.70 -2.12
N ALA A 129 5.52 -1.76 -2.66
CA ALA A 129 5.14 -1.01 -3.85
C ALA A 129 6.28 -1.08 -4.86
N ILE A 130 5.93 -0.92 -6.13
CA ILE A 130 6.89 -0.75 -7.22
C ILE A 130 6.41 0.41 -8.07
N GLY A 131 7.33 1.18 -8.64
CA GLY A 131 6.89 2.34 -9.38
C GLY A 131 7.98 2.90 -10.27
N SER A 132 7.65 4.02 -10.92
CA SER A 132 8.51 4.63 -11.92
C SER A 132 9.38 5.72 -11.29
N THR A 133 10.67 5.46 -11.17
CA THR A 133 11.58 6.48 -10.70
C THR A 133 11.98 7.39 -11.87
N PRO A 134 12.35 8.66 -11.60
CA PRO A 134 12.42 9.28 -10.27
C PRO A 134 11.05 9.68 -9.73
N PHE A 135 10.79 9.27 -8.49
CA PHE A 135 9.49 9.54 -7.89
C PHE A 135 9.24 11.02 -7.68
N GLU A 136 10.30 11.80 -7.44
CA GLU A 136 10.15 13.21 -7.10
C GLU A 136 9.67 14.07 -8.27
N ARG A 137 9.59 13.55 -9.49
CA ARG A 137 9.11 14.36 -10.60
C ARG A 137 7.61 14.63 -10.55
N GLY A 138 6.85 13.89 -9.74
CA GLY A 138 5.42 14.12 -9.63
C GLY A 138 4.61 13.75 -10.85
N ASP A 139 5.03 12.69 -11.56
CA ASP A 139 4.33 12.25 -12.77
C ASP A 139 2.86 11.98 -12.49
N GLU A 140 2.02 12.24 -13.48
CA GLU A 140 0.57 12.08 -13.34
C GLU A 140 0.01 10.93 -14.17
N ALA A 141 0.89 10.04 -14.65
CA ALA A 141 0.50 8.82 -15.36
C ALA A 141 1.29 7.61 -14.91
N GLU A 142 2.58 7.77 -14.64
CA GLU A 142 3.46 6.65 -14.29
C GLU A 142 3.91 6.88 -12.85
N GLY A 143 3.15 6.32 -11.91
CA GLY A 143 3.44 6.48 -10.50
C GLY A 143 3.83 5.15 -9.88
N PHE A 144 3.08 4.66 -8.89
CA PHE A 144 3.38 3.39 -8.24
C PHE A 144 2.16 2.48 -8.26
N LEU A 145 2.44 1.19 -8.03
CA LEU A 145 1.46 0.15 -7.84
C LEU A 145 1.71 -0.52 -6.50
N ILE A 146 0.66 -1.04 -5.89
CA ILE A 146 0.77 -1.87 -4.70
C ILE A 146 0.87 -3.33 -5.13
N VAL A 147 1.94 -4.00 -4.71
CA VAL A 147 2.11 -5.42 -5.02
C VAL A 147 1.07 -6.23 -4.24
N THR A 148 0.50 -7.24 -4.88
CA THR A 148 -0.54 -8.05 -4.26
C THR A 148 -0.08 -9.49 -4.10
N ALA A 149 -0.75 -10.18 -3.17
CA ALA A 149 -0.57 -11.60 -2.93
C ALA A 149 -1.95 -12.25 -2.79
N ALA A 150 -1.97 -13.57 -2.83
CA ALA A 150 -3.22 -14.29 -2.65
C ALA A 150 -3.72 -14.14 -1.21
N ALA A 151 -5.03 -13.95 -1.07
CA ALA A 151 -5.64 -14.05 0.24
C ALA A 151 -5.65 -15.50 0.70
N ASP A 152 -5.57 -15.69 2.01
CA ASP A 152 -5.46 -17.00 2.62
C ASP A 152 -6.28 -17.01 3.89
N GLN A 153 -6.63 -18.20 4.36
CA GLN A 153 -7.30 -18.37 5.66
C GLN A 153 -8.59 -17.53 5.64
N GLY A 154 -8.93 -16.88 6.76
CA GLY A 154 -10.19 -16.16 6.87
C GLY A 154 -10.36 -15.04 5.87
N LEU A 155 -9.27 -14.48 5.35
CA LEU A 155 -9.36 -13.32 4.46
C LEU A 155 -10.11 -13.65 3.17
N VAL A 156 -10.09 -14.91 2.73
CA VAL A 156 -10.75 -15.26 1.46
C VAL A 156 -12.24 -15.06 1.52
N ASP A 157 -12.84 -15.01 2.72
CA ASP A 157 -14.25 -14.70 2.85
C ASP A 157 -14.56 -13.31 2.32
N ILE A 158 -13.59 -12.42 2.34
CA ILE A 158 -13.79 -11.02 1.97
C ILE A 158 -13.42 -10.77 0.51
N HIS A 159 -12.26 -11.26 0.08
CA HIS A 159 -11.72 -10.95 -1.22
C HIS A 159 -10.55 -11.89 -1.50
N ASP A 160 -10.29 -12.13 -2.79
CA ASP A 160 -9.33 -13.16 -3.17
C ASP A 160 -7.88 -12.69 -3.21
N ARG A 161 -7.64 -11.38 -3.14
CA ARG A 161 -6.30 -10.81 -3.20
C ARG A 161 -6.15 -9.82 -2.05
N ARG A 162 -4.90 -9.52 -1.69
CA ARG A 162 -4.59 -8.61 -0.61
C ARG A 162 -3.27 -7.93 -0.94
N PRO A 163 -2.98 -6.75 -0.36
CA PRO A 163 -1.65 -6.17 -0.54
C PRO A 163 -0.59 -7.07 0.06
N LEU A 164 0.57 -7.08 -0.56
CA LEU A 164 1.74 -7.72 0.01
C LEU A 164 2.24 -6.81 1.13
N VAL A 165 1.98 -7.20 2.37
CA VAL A 165 2.38 -6.45 3.55
C VAL A 165 3.66 -7.06 4.08
N LEU A 166 4.66 -6.22 4.34
CA LEU A 166 5.96 -6.68 4.82
C LEU A 166 6.14 -6.29 6.28
N SER A 167 6.88 -7.12 7.02
CA SER A 167 7.31 -6.73 8.36
C SER A 167 8.12 -5.44 8.27
N PRO A 168 8.23 -4.69 9.36
CA PRO A 168 9.09 -3.49 9.33
C PRO A 168 10.51 -3.79 8.88
N GLU A 169 11.06 -4.93 9.34
CA GLU A 169 12.43 -5.28 8.97
C GLU A 169 12.54 -5.59 7.49
N ALA A 170 11.59 -6.35 6.95
CA ALA A 170 11.62 -6.66 5.53
C ALA A 170 11.35 -5.42 4.69
N ALA A 171 10.49 -4.52 5.18
CA ALA A 171 10.20 -3.29 4.44
C ALA A 171 11.46 -2.45 4.27
N ARG A 172 12.27 -2.34 5.32
CA ARG A 172 13.51 -1.59 5.21
C ARG A 172 14.45 -2.20 4.19
N GLU A 173 14.58 -3.53 4.19
CA GLU A 173 15.46 -4.20 3.24
C GLU A 173 14.94 -4.05 1.81
N TRP A 174 13.63 -4.19 1.62
CA TRP A 174 12.99 -4.07 0.31
C TRP A 174 13.37 -2.76 -0.38
N MET A 175 13.47 -1.68 0.38
CA MET A 175 13.75 -0.37 -0.21
C MET A 175 15.19 -0.17 -0.65
N ARG A 176 16.13 -0.97 -0.15
CA ARG A 176 17.53 -0.68 -0.37
C ARG A 176 17.89 -0.75 -1.86
N GLN A 177 18.57 0.28 -2.35
CA GLN A 177 19.00 0.28 -3.75
C GLN A 177 20.07 -0.75 -4.04
N GLU A 178 20.82 -1.18 -3.01
CA GLU A 178 21.91 -2.13 -3.17
C GLU A 178 21.43 -3.56 -3.38
N ILE A 179 20.19 -3.88 -3.08
CA ILE A 179 19.73 -5.27 -3.20
C ILE A 179 19.07 -5.48 -4.55
N SER A 180 19.36 -6.64 -5.15
CA SER A 180 18.95 -6.98 -6.50
C SER A 180 17.46 -7.34 -6.54
N GLY A 181 16.92 -7.38 -7.75
CA GLY A 181 15.56 -7.87 -7.93
C GLY A 181 15.37 -9.28 -7.41
N LYS A 182 16.38 -10.14 -7.56
CA LYS A 182 16.28 -11.50 -7.04
C LYS A 182 16.24 -11.51 -5.53
N GLU A 183 17.09 -10.71 -4.89
CA GLU A 183 17.01 -10.58 -3.43
C GLU A 183 15.68 -9.98 -3.00
N ALA A 184 15.13 -9.05 -3.77
CA ALA A 184 13.82 -8.49 -3.47
C ALA A 184 12.73 -9.56 -3.53
N SER A 185 12.83 -10.49 -4.49
CA SER A 185 11.88 -11.59 -4.53
C SER A 185 11.99 -12.46 -3.29
N GLU A 186 13.21 -12.64 -2.79
CA GLU A 186 13.39 -13.40 -1.54
C GLU A 186 12.76 -12.68 -0.37
N ILE A 187 12.95 -11.36 -0.29
CA ILE A 187 12.36 -10.55 0.77
C ILE A 187 10.84 -10.60 0.72
N ALA A 188 10.27 -10.57 -0.49
CA ALA A 188 8.82 -10.64 -0.63
C ALA A 188 8.30 -11.97 -0.11
N ALA A 189 9.06 -13.05 -0.30
CA ALA A 189 8.65 -14.35 0.20
C ALA A 189 8.81 -14.45 1.71
N SER A 190 9.96 -13.99 2.23
CA SER A 190 10.24 -14.20 3.64
C SER A 190 9.58 -13.15 4.53
N GLY A 191 9.33 -11.95 4.02
CA GLY A 191 8.81 -10.86 4.82
C GLY A 191 7.31 -10.67 4.79
N CYS A 192 6.59 -11.45 3.98
CA CYS A 192 5.16 -11.29 3.84
C CYS A 192 4.46 -11.66 5.14
N VAL A 193 3.59 -10.77 5.61
CA VAL A 193 2.83 -10.98 6.84
C VAL A 193 1.68 -11.94 6.53
N PRO A 194 1.55 -13.05 7.26
CA PRO A 194 0.52 -14.03 6.91
C PRO A 194 -0.87 -13.55 7.26
N ALA A 195 -1.86 -14.17 6.61
CA ALA A 195 -3.25 -13.76 6.74
C ALA A 195 -3.75 -13.81 8.18
N ASN A 196 -3.24 -14.75 8.99
CA ASN A 196 -3.75 -14.89 10.35
C ASN A 196 -3.33 -13.74 11.27
N GLN A 197 -2.50 -12.83 10.79
CA GLN A 197 -2.10 -11.66 11.56
C GLN A 197 -3.04 -10.48 11.36
N PHE A 198 -4.09 -10.62 10.54
CA PHE A 198 -5.01 -9.54 10.26
C PHE A 198 -6.35 -9.77 10.93
N SER A 199 -7.01 -8.67 11.26
CA SER A 199 -8.39 -8.63 11.71
C SER A 199 -9.18 -7.75 10.74
N TRP A 200 -10.49 -7.87 10.76
CA TRP A 200 -11.31 -7.08 9.86
C TRP A 200 -12.73 -6.97 10.38
N HIS A 201 -13.45 -5.99 9.86
CA HIS A 201 -14.85 -5.80 10.24
C HIS A 201 -15.54 -4.99 9.16
N PRO A 202 -16.86 -5.12 9.03
CA PRO A 202 -17.61 -4.26 8.10
C PRO A 202 -17.53 -2.80 8.53
N VAL A 203 -17.54 -1.90 7.54
CA VAL A 203 -17.54 -0.47 7.78
C VAL A 203 -18.69 0.17 7.01
N SER A 204 -18.89 1.45 7.25
CA SER A 204 -19.98 2.16 6.59
C SER A 204 -19.79 2.17 5.08
N ARG A 205 -20.91 2.11 4.36
CA ARG A 205 -20.86 2.27 2.90
C ARG A 205 -20.33 3.63 2.46
N ALA A 206 -20.25 4.60 3.37
CA ALA A 206 -19.79 5.94 3.04
C ALA A 206 -18.37 5.96 2.48
N VAL A 207 -17.55 4.95 2.79
CA VAL A 207 -16.20 4.92 2.25
C VAL A 207 -16.19 4.84 0.72
N GLY A 208 -17.29 4.38 0.12
CA GLY A 208 -17.32 4.33 -1.34
C GLY A 208 -17.18 5.70 -1.99
N ASN A 209 -17.61 6.75 -1.30
CA ASN A 209 -17.54 8.12 -1.83
C ASN A 209 -16.25 8.78 -1.37
N VAL A 210 -15.37 9.09 -2.32
CA VAL A 210 -14.05 9.66 -2.00
C VAL A 210 -14.14 11.04 -1.36
N LYS A 211 -15.30 11.70 -1.39
CA LYS A 211 -15.40 12.96 -0.65
C LYS A 211 -15.22 12.74 0.85
N ASN A 212 -15.47 11.53 1.34
CA ASN A 212 -15.42 11.25 2.76
C ASN A 212 -14.02 10.79 3.14
N GLN A 213 -13.44 11.46 4.13
CA GLN A 213 -12.07 11.18 4.55
C GLN A 213 -11.92 11.11 6.06
N GLY A 214 -13.03 11.05 6.82
CA GLY A 214 -12.98 11.11 8.26
C GLY A 214 -12.74 9.77 8.95
N ALA A 215 -12.39 9.86 10.23
CA ALA A 215 -12.00 8.69 11.01
C ALA A 215 -13.13 7.69 11.19
N GLU A 216 -14.38 8.13 11.05
CA GLU A 216 -15.50 7.21 11.19
C GLU A 216 -15.48 6.11 10.12
N LEU A 217 -14.78 6.33 9.01
CA LEU A 217 -14.81 5.37 7.92
C LEU A 217 -14.18 4.02 8.27
N ILE A 218 -13.34 3.95 9.31
CA ILE A 218 -12.72 2.69 9.68
C ILE A 218 -13.40 2.02 10.87
N GLN A 219 -14.49 2.60 11.39
CA GLN A 219 -15.19 2.09 12.57
C GLN A 219 -16.06 0.88 12.21
N PRO A 220 -16.15 -0.13 13.08
CA PRO A 220 -17.03 -1.28 12.80
C PRO A 220 -18.50 -0.90 12.84
N VAL A 221 -19.28 -1.50 11.92
CA VAL A 221 -20.71 -1.25 11.81
C VAL A 221 -21.47 -2.57 11.80
N LEU A 222 -22.78 -2.47 12.00
CA LEU A 222 -23.70 -3.56 11.72
C LEU A 222 -24.03 -3.56 10.24
N GLU A 223 -23.73 -4.67 9.55
CA GLU A 223 -24.08 -4.79 8.15
C GLU A 223 -25.57 -4.56 7.89
N VAL A 224 -26.42 -4.97 8.84
CA VAL A 224 -27.86 -4.88 8.61
C VAL A 224 -28.32 -3.44 8.42
N LEU A 225 -27.58 -2.47 8.95
CA LEU A 225 -27.99 -1.07 8.80
C LEU A 225 -27.54 -0.46 7.47
N PHE A 226 -26.93 -1.25 6.60
CA PHE A 226 -26.47 -0.78 5.29
C PHE A 226 -26.96 -1.67 4.14
#